data_4B3W
#
_entry.id   4B3W
#
_cell.length_a   48.844
_cell.length_b   70.054
_cell.length_c   102.072
_cell.angle_alpha   90.00
_cell.angle_beta   90.00
_cell.angle_gamma   90.00
#
_symmetry.space_group_name_H-M   'P 21 21 21'
#
loop_
_entity.id
_entity.type
_entity.pdbx_description
1 polymer CYTOGLOBIN
2 non-polymer 'PROTOPORPHYRIN IX CONTAINING FE'
3 non-polymer 'CYANIDE ION'
4 non-polymer HEXACYANOFERRATE(3-)
5 non-polymer 'ACETATE ION'
6 water water
#
_entity_poly.entity_id   1
_entity_poly.type   'polypeptide(L)'
_entity_poly.pdbx_seq_one_letter_code
;MEKVPGEMEIERRERSEELSEAERKAVQAMWARLYANSEDVGVAILVRFFVNFPSAKQYFSQFKHMEDPLEMERSPQLRK
QASRVMGALNTVVENLHDPDKVSSVLALVGKAHALKHKVEPVYFKILSGVILEVVAEEFASDFPPETQRAWAKLRGLIYS
HVTAAYKEVGWVQQVPNATTPPATLPSSGP
;
_entity_poly.pdbx_strand_id   A,B
#
loop_
_chem_comp.id
_chem_comp.type
_chem_comp.name
_chem_comp.formula
ACT non-polymer 'ACETATE ION' 'C2 H3 O2 -1'
CYN non-polymer 'CYANIDE ION' 'C N -1'
FC6 non-polymer HEXACYANOFERRATE(3-) 'C6 Fe N6'
HEM non-polymer 'PROTOPORPHYRIN IX CONTAINING FE' 'C34 H32 Fe N4 O4'
#
# COMPACT_ATOMS: atom_id res chain seq x y z
N GLU A 18 17.72 10.32 -12.38
CA GLU A 18 18.68 11.03 -11.49
C GLU A 18 18.12 12.36 -10.94
N LEU A 19 18.80 12.90 -9.93
CA LEU A 19 18.33 14.07 -9.20
C LEU A 19 19.23 15.31 -9.40
N SER A 20 18.82 16.44 -8.86
CA SER A 20 19.64 17.65 -8.85
C SER A 20 20.56 17.66 -7.63
N GLU A 21 21.20 18.79 -7.34
CA GLU A 21 21.96 18.94 -6.09
C GLU A 21 21.04 19.41 -4.97
N ALA A 22 19.97 20.11 -5.32
CA ALA A 22 19.03 20.61 -4.33
C ALA A 22 18.09 19.49 -3.86
N GLU A 23 17.65 18.65 -4.81
CA GLU A 23 16.81 17.50 -4.49
C GLU A 23 17.58 16.46 -3.69
N ARG A 24 18.83 16.24 -4.10
CA ARG A 24 19.72 15.33 -3.39
C ARG A 24 19.93 15.79 -1.95
N LYS A 25 20.17 17.08 -1.77
CA LYS A 25 20.37 17.66 -0.43
C LYS A 25 19.11 17.63 0.43
N ALA A 26 17.95 17.78 -0.20
CA ALA A 26 16.66 17.78 0.49
C ALA A 26 16.30 16.39 1.00
N VAL A 27 16.66 15.38 0.21
CA VAL A 27 16.44 13.98 0.56
C VAL A 27 17.39 13.51 1.67
N GLN A 28 18.65 13.93 1.57
CA GLN A 28 19.66 13.55 2.55
C GLN A 28 19.44 14.19 3.91
N ALA A 29 18.94 15.43 3.90
CA ALA A 29 18.58 16.14 5.15
C ALA A 29 17.42 15.47 5.89
N MET A 30 16.47 14.93 5.13
CA MET A 30 15.37 14.13 5.63
C MET A 30 15.89 12.82 6.25
N TRP A 31 16.63 12.08 5.44
CA TRP A 31 17.26 10.82 5.84
C TRP A 31 18.22 11.01 7.02
N ALA A 32 18.82 12.19 7.14
CA ALA A 32 19.64 12.51 8.30
C ALA A 32 18.83 12.29 9.58
N ARG A 33 17.65 12.92 9.65
CA ARG A 33 16.75 12.75 10.81
C ARG A 33 16.21 11.34 10.95
N LEU A 34 15.68 10.77 9.86
CA LEU A 34 15.15 9.40 9.89
C LEU A 34 16.13 8.40 10.49
N TYR A 35 17.39 8.49 10.09
CA TYR A 35 18.41 7.50 10.42
C TYR A 35 19.00 7.72 11.82
N ALA A 36 18.64 8.84 12.43
CA ALA A 36 19.00 9.11 13.83
C ALA A 36 18.46 8.00 14.73
N ASN A 37 17.18 7.69 14.59
CA ASN A 37 16.59 6.49 15.16
C ASN A 37 16.18 5.51 14.06
N SER A 38 17.19 4.98 13.36
CA SER A 38 16.96 4.06 12.25
C SER A 38 16.21 2.80 12.68
N GLU A 39 16.51 2.28 13.87
CA GLU A 39 15.85 1.08 14.40
C GLU A 39 14.37 1.31 14.63
N ASP A 40 14.02 2.33 15.42
CA ASP A 40 12.62 2.62 15.71
C ASP A 40 11.80 3.12 14.50
N VAL A 41 12.49 3.50 13.43
CA VAL A 41 11.79 3.92 12.21
C VAL A 41 11.60 2.74 11.26
N GLY A 42 12.67 1.98 11.05
CA GLY A 42 12.61 0.77 10.27
C GLY A 42 11.51 -0.17 10.76
N VAL A 43 11.33 -0.22 12.07
CA VAL A 43 10.33 -1.10 12.67
C VAL A 43 8.91 -0.60 12.35
N ALA A 44 8.66 0.69 12.48
CA ALA A 44 7.35 1.26 12.15
C ALA A 44 6.99 0.96 10.70
N ILE A 45 7.99 1.03 9.82
CA ILE A 45 7.85 0.71 8.40
C ILE A 45 7.46 -0.76 8.18
N LEU A 46 8.24 -1.69 8.72
CA LEU A 46 7.99 -3.12 8.50
C LEU A 46 6.70 -3.62 9.16
N VAL A 47 6.39 -3.11 10.34
CA VAL A 47 5.13 -3.48 11.01
C VAL A 47 3.94 -3.01 10.18
N ARG A 48 3.96 -1.78 9.67
CA ARG A 48 2.87 -1.32 8.81
C ARG A 48 2.81 -2.09 7.50
N PHE A 49 3.97 -2.42 6.93
CA PHE A 49 4.05 -3.24 5.73
C PHE A 49 3.36 -4.59 5.91
N PHE A 50 3.54 -5.20 7.07
CA PHE A 50 3.00 -6.53 7.34
C PHE A 50 1.57 -6.50 7.83
N VAL A 51 1.15 -5.40 8.46
CA VAL A 51 -0.24 -5.26 8.88
C VAL A 51 -1.15 -4.95 7.68
N ASN A 52 -0.73 -4.00 6.85
CA ASN A 52 -1.54 -3.56 5.73
C ASN A 52 -1.43 -4.47 4.51
N PHE A 53 -0.38 -5.29 4.47
CA PHE A 53 -0.19 -6.26 3.39
C PHE A 53 0.37 -7.58 3.91
N PRO A 54 -0.49 -8.41 4.56
CA PRO A 54 -0.11 -9.70 5.17
C PRO A 54 0.47 -10.72 4.18
N SER A 55 0.14 -10.57 2.89
CA SER A 55 0.74 -11.38 1.85
C SER A 55 2.27 -11.20 1.74
N ALA A 56 2.79 -10.06 2.19
CA ALA A 56 4.23 -9.78 2.19
C ALA A 56 5.02 -10.64 3.20
N LYS A 57 4.37 -10.96 4.32
CA LYS A 57 4.93 -11.82 5.36
C LYS A 57 5.35 -13.17 4.82
N GLN A 58 4.52 -13.76 3.95
CA GLN A 58 4.77 -15.08 3.35
C GLN A 58 6.24 -15.38 3.05
N TYR A 59 6.95 -14.39 2.54
CA TYR A 59 8.33 -14.55 2.10
C TYR A 59 9.32 -14.71 3.25
N PHE A 60 8.86 -14.45 4.47
CA PHE A 60 9.72 -14.41 5.66
C PHE A 60 9.44 -15.56 6.62
N SER A 61 10.35 -16.54 6.64
CA SER A 61 10.24 -17.70 7.52
C SER A 61 10.21 -17.31 9.01
N GLN A 62 10.74 -16.13 9.31
CA GLN A 62 10.78 -15.61 10.67
C GLN A 62 9.44 -15.02 11.14
N PHE A 63 8.69 -14.45 10.20
CA PHE A 63 7.54 -13.62 10.53
C PHE A 63 6.23 -14.13 9.95
N LYS A 64 6.31 -15.06 9.01
CA LYS A 64 5.15 -15.58 8.28
C LYS A 64 4.00 -16.08 9.16
N HIS A 65 4.29 -16.36 10.43
CA HIS A 65 3.28 -16.87 11.34
C HIS A 65 2.82 -15.86 12.40
N MET A 66 3.23 -14.61 12.22
CA MET A 66 2.93 -13.54 13.16
C MET A 66 1.70 -12.76 12.67
N GLU A 67 0.74 -12.52 13.56
CA GLU A 67 -0.43 -11.70 13.21
C GLU A 67 -0.57 -10.50 14.13
N ASP A 68 -0.05 -10.64 15.35
CA ASP A 68 -0.10 -9.58 16.35
C ASP A 68 0.95 -8.52 16.02
N PRO A 69 0.52 -7.25 15.84
CA PRO A 69 1.47 -6.20 15.48
C PRO A 69 2.33 -5.77 16.67
N LEU A 70 1.77 -5.88 17.87
CA LEU A 70 2.49 -5.53 19.08
C LEU A 70 3.56 -6.58 19.35
N GLU A 71 3.33 -7.80 18.87
CA GLU A 71 4.30 -8.89 18.93
C GLU A 71 5.43 -8.67 17.93
N MET A 72 5.15 -7.94 16.85
CA MET A 72 6.16 -7.62 15.83
C MET A 72 7.04 -6.47 16.28
N GLU A 73 6.44 -5.48 16.94
CA GLU A 73 7.17 -4.37 17.56
C GLU A 73 8.26 -4.85 18.50
N ARG A 74 7.96 -5.90 19.26
CA ARG A 74 8.85 -6.40 20.31
C ARG A 74 9.90 -7.39 19.81
N SER A 75 9.60 -8.10 18.72
CA SER A 75 10.43 -9.22 18.28
C SER A 75 11.81 -8.80 17.79
N PRO A 76 12.87 -9.49 18.26
CA PRO A 76 14.25 -9.06 17.99
C PRO A 76 14.68 -9.28 16.55
N GLN A 77 14.12 -10.30 15.90
CA GLN A 77 14.47 -10.62 14.52
C GLN A 77 13.97 -9.57 13.54
N LEU A 78 12.78 -9.03 13.82
CA LEU A 78 12.19 -7.95 13.03
C LEU A 78 13.03 -6.67 13.11
N ARG A 79 13.54 -6.39 14.30
CA ARG A 79 14.45 -5.26 14.53
C ARG A 79 15.77 -5.46 13.79
N LYS A 80 16.24 -6.70 13.77
CA LYS A 80 17.39 -7.11 12.97
C LYS A 80 17.10 -6.95 11.48
N GLN A 81 15.85 -7.17 11.07
CA GLN A 81 15.49 -7.01 9.67
C GLN A 81 15.34 -5.53 9.29
N ALA A 82 14.68 -4.75 10.15
CA ALA A 82 14.57 -3.31 9.98
C ALA A 82 15.93 -2.67 9.71
N SER A 83 16.88 -2.86 10.64
CA SER A 83 18.26 -2.38 10.48
C SER A 83 18.86 -2.73 9.12
N ARG A 84 18.68 -3.99 8.70
CA ARG A 84 19.21 -4.48 7.44
C ARG A 84 18.70 -3.69 6.21
N VAL A 85 17.41 -3.39 6.19
CA VAL A 85 16.79 -2.60 5.12
C VAL A 85 17.26 -1.16 5.17
N MET A 86 17.11 -0.55 6.35
CA MET A 86 17.53 0.83 6.61
C MET A 86 18.97 1.05 6.16
N GLY A 87 19.86 0.15 6.56
CA GLY A 87 21.29 0.22 6.23
C GLY A 87 21.58 0.12 4.74
N ALA A 88 20.82 -0.70 4.03
CA ALA A 88 20.96 -0.79 2.58
C ALA A 88 20.46 0.51 1.95
N LEU A 89 19.30 0.99 2.41
CA LEU A 89 18.76 2.28 1.96
C LEU A 89 19.74 3.40 2.24
N ASN A 90 20.42 3.31 3.38
CA ASN A 90 21.47 4.25 3.76
C ASN A 90 22.57 4.36 2.70
N THR A 91 23.07 3.22 2.21
CA THR A 91 24.12 3.24 1.21
C THR A 91 23.64 3.95 -0.07
N VAL A 92 22.38 3.75 -0.44
CA VAL A 92 21.78 4.43 -1.60
C VAL A 92 21.71 5.95 -1.40
N VAL A 93 21.11 6.39 -0.29
CA VAL A 93 20.93 7.82 -0.03
C VAL A 93 22.27 8.57 0.11
N GLU A 94 23.25 7.94 0.75
CA GLU A 94 24.58 8.54 0.90
C GLU A 94 25.41 8.59 -0.37
N ASN A 95 25.01 7.83 -1.39
CA ASN A 95 25.73 7.78 -2.67
C ASN A 95 25.01 8.37 -3.87
N LEU A 96 23.92 9.09 -3.64
CA LEU A 96 23.15 9.74 -4.71
C LEU A 96 23.97 10.67 -5.62
N HIS A 97 25.16 11.05 -5.14
CA HIS A 97 26.12 11.84 -5.89
C HIS A 97 26.92 10.97 -6.87
N ASP A 98 26.89 9.65 -6.65
CA ASP A 98 27.67 8.69 -7.44
C ASP A 98 26.74 7.68 -8.11
N PRO A 99 26.21 8.00 -9.30
CA PRO A 99 25.23 7.16 -9.98
C PRO A 99 25.73 5.79 -10.40
N ASP A 100 27.05 5.59 -10.44
CA ASP A 100 27.62 4.25 -10.59
C ASP A 100 27.44 3.45 -9.30
N LYS A 101 27.54 4.12 -8.17
CA LYS A 101 27.35 3.49 -6.86
C LYS A 101 25.89 3.13 -6.59
N VAL A 102 24.97 4.06 -6.85
CA VAL A 102 23.54 3.76 -6.62
C VAL A 102 23.06 2.62 -7.53
N SER A 103 23.59 2.60 -8.76
CA SER A 103 23.26 1.56 -9.73
C SER A 103 23.70 0.20 -9.21
N SER A 104 24.97 0.10 -8.84
CA SER A 104 25.60 -1.14 -8.38
C SER A 104 24.98 -1.73 -7.11
N VAL A 105 24.54 -0.86 -6.20
CA VAL A 105 23.97 -1.29 -4.93
C VAL A 105 22.58 -1.90 -5.16
N LEU A 106 21.75 -1.19 -5.93
CA LEU A 106 20.40 -1.65 -6.24
C LEU A 106 20.38 -2.83 -7.21
N ALA A 107 21.41 -2.93 -8.05
CA ALA A 107 21.62 -4.12 -8.86
C ALA A 107 21.68 -5.33 -7.94
N LEU A 108 22.54 -5.23 -6.93
CA LEU A 108 22.73 -6.29 -5.93
C LEU A 108 21.48 -6.64 -5.11
N VAL A 109 20.77 -5.61 -4.65
CA VAL A 109 19.54 -5.80 -3.88
C VAL A 109 18.50 -6.50 -4.74
N GLY A 110 18.32 -6.01 -5.97
CA GLY A 110 17.38 -6.59 -6.92
C GLY A 110 17.65 -8.06 -7.21
N LYS A 111 18.86 -8.34 -7.72
CA LYS A 111 19.27 -9.70 -8.09
C LYS A 111 19.08 -10.70 -6.97
N ALA A 112 19.53 -10.32 -5.77
CA ALA A 112 19.42 -11.18 -4.58
C ALA A 112 17.96 -11.44 -4.18
N HIS A 113 17.11 -10.41 -4.31
CA HIS A 113 15.68 -10.56 -4.01
C HIS A 113 14.94 -11.40 -5.04
N ALA A 114 15.41 -11.34 -6.28
CA ALA A 114 14.92 -12.25 -7.32
C ALA A 114 15.45 -13.68 -7.12
N LEU A 115 16.76 -13.83 -7.07
CA LEU A 115 17.39 -15.18 -7.11
C LEU A 115 17.34 -15.97 -5.79
N LYS A 116 17.69 -15.33 -4.68
CA LYS A 116 17.60 -15.99 -3.37
C LYS A 116 16.17 -15.91 -2.82
N HIS A 117 15.73 -14.70 -2.51
CA HIS A 117 14.46 -14.47 -1.81
C HIS A 117 13.22 -14.80 -2.63
N LYS A 118 13.35 -14.79 -3.96
CA LYS A 118 12.27 -15.12 -4.90
C LYS A 118 11.01 -14.28 -4.67
N VAL A 119 11.22 -12.98 -4.47
CA VAL A 119 10.18 -12.00 -4.15
C VAL A 119 9.60 -11.41 -5.43
N GLU A 120 8.28 -11.30 -5.48
CA GLU A 120 7.60 -10.69 -6.61
C GLU A 120 7.87 -9.17 -6.63
N PRO A 121 8.53 -8.69 -7.71
CA PRO A 121 9.05 -7.31 -7.79
C PRO A 121 8.04 -6.22 -7.46
N VAL A 122 6.75 -6.52 -7.50
CA VAL A 122 5.72 -5.51 -7.25
C VAL A 122 5.71 -5.05 -5.78
N TYR A 123 6.08 -5.95 -4.87
CA TYR A 123 6.12 -5.65 -3.44
C TYR A 123 7.05 -4.48 -3.13
N PHE A 124 8.12 -4.35 -3.92
CA PHE A 124 8.99 -3.17 -3.84
C PHE A 124 8.24 -1.86 -4.02
N LYS A 125 7.24 -1.86 -4.91
CA LYS A 125 6.37 -0.70 -5.09
C LYS A 125 5.48 -0.48 -3.86
N ILE A 126 4.88 -1.56 -3.36
CA ILE A 126 4.05 -1.49 -2.16
C ILE A 126 4.85 -0.96 -0.96
N LEU A 127 6.00 -1.57 -0.69
CA LEU A 127 6.89 -1.13 0.38
C LEU A 127 7.24 0.36 0.27
N SER A 128 7.53 0.81 -0.95
CA SER A 128 7.83 2.21 -1.23
C SER A 128 6.73 3.15 -0.75
N GLY A 129 5.50 2.86 -1.14
CA GLY A 129 4.33 3.61 -0.69
C GLY A 129 4.22 3.66 0.82
N VAL A 130 4.48 2.52 1.46
CA VAL A 130 4.46 2.47 2.92
C VAL A 130 5.52 3.41 3.49
N ILE A 131 6.73 3.34 2.97
CA ILE A 131 7.79 4.25 3.37
C ILE A 131 7.36 5.71 3.23
N LEU A 132 6.60 6.04 2.18
CA LEU A 132 6.08 7.41 2.01
C LEU A 132 5.08 7.81 3.13
N GLU A 133 4.16 6.90 3.45
CA GLU A 133 3.12 7.16 4.46
C GLU A 133 3.72 7.43 5.84
N VAL A 134 4.72 6.63 6.20
CA VAL A 134 5.43 6.75 7.48
C VAL A 134 6.22 8.06 7.56
N VAL A 135 7.06 8.28 6.54
CA VAL A 135 7.78 9.54 6.40
C VAL A 135 6.84 10.74 6.44
N ALA A 136 5.69 10.64 5.77
CA ALA A 136 4.69 11.73 5.72
C ALA A 136 4.06 12.03 7.07
N GLU A 137 3.95 11.02 7.92
CA GLU A 137 3.41 11.17 9.28
C GLU A 137 4.49 11.71 10.21
N GLU A 138 5.64 11.04 10.20
CA GLU A 138 6.80 11.40 11.00
C GLU A 138 7.25 12.84 10.82
N PHE A 139 7.20 13.32 9.57
CA PHE A 139 7.78 14.59 9.19
C PHE A 139 6.81 15.55 8.51
N ALA A 140 5.55 15.49 8.91
CA ALA A 140 4.50 16.31 8.33
C ALA A 140 4.86 17.79 8.28
N SER A 141 5.43 18.31 9.36
CA SER A 141 5.73 19.74 9.46
C SER A 141 6.97 20.18 8.69
N ASP A 142 7.76 19.22 8.20
CA ASP A 142 8.90 19.54 7.35
C ASP A 142 8.95 18.58 6.16
N PHE A 143 7.93 18.67 5.33
CA PHE A 143 7.78 17.85 4.14
C PHE A 143 7.15 18.70 3.03
N PRO A 144 7.82 19.80 2.64
CA PRO A 144 7.22 20.68 1.63
C PRO A 144 7.17 20.03 0.25
N PRO A 145 6.36 20.60 -0.68
CA PRO A 145 6.21 20.13 -2.06
C PRO A 145 7.52 19.79 -2.77
N GLU A 146 8.53 20.63 -2.61
CA GLU A 146 9.86 20.43 -3.19
C GLU A 146 10.55 19.16 -2.68
N THR A 147 10.30 18.82 -1.42
CA THR A 147 10.85 17.62 -0.79
C THR A 147 10.07 16.35 -1.17
N GLN A 148 8.75 16.49 -1.30
CA GLN A 148 7.87 15.40 -1.72
C GLN A 148 8.27 14.87 -3.10
N ARG A 149 8.41 15.79 -4.05
CA ARG A 149 8.85 15.50 -5.41
C ARG A 149 10.25 14.91 -5.41
N ALA A 150 11.13 15.48 -4.58
CA ALA A 150 12.48 14.96 -4.41
C ALA A 150 12.45 13.51 -3.96
N TRP A 151 11.58 13.22 -3.00
CA TRP A 151 11.45 11.87 -2.48
C TRP A 151 10.79 10.94 -3.48
N ALA A 152 9.87 11.49 -4.28
CA ALA A 152 9.24 10.72 -5.35
C ALA A 152 10.28 10.30 -6.39
N LYS A 153 11.29 11.13 -6.59
CA LYS A 153 12.34 10.83 -7.57
C LYS A 153 13.24 9.67 -7.13
N LEU A 154 13.49 9.56 -5.82
CA LEU A 154 14.31 8.47 -5.30
C LEU A 154 13.51 7.16 -5.32
N ARG A 155 12.20 7.29 -5.13
CA ARG A 155 11.31 6.15 -5.19
C ARG A 155 11.32 5.53 -6.59
N GLY A 156 11.26 6.38 -7.62
CA GLY A 156 11.23 5.94 -9.00
C GLY A 156 12.56 5.33 -9.37
N LEU A 157 13.60 5.85 -8.75
CA LEU A 157 14.97 5.41 -8.99
C LEU A 157 15.20 3.99 -8.47
N ILE A 158 14.85 3.73 -7.21
CA ILE A 158 14.97 2.38 -6.65
C ILE A 158 14.18 1.40 -7.51
N TYR A 159 12.92 1.74 -7.80
CA TYR A 159 11.99 0.87 -8.53
C TYR A 159 12.42 0.43 -9.92
N SER A 160 12.95 1.36 -10.72
CA SER A 160 13.33 1.00 -12.09
C SER A 160 14.69 0.30 -12.20
N HIS A 161 15.51 0.46 -11.17
CA HIS A 161 16.80 -0.21 -11.09
C HIS A 161 16.62 -1.65 -10.59
N VAL A 162 15.72 -1.81 -9.62
CA VAL A 162 15.40 -3.14 -9.08
C VAL A 162 14.68 -3.98 -10.13
N THR A 163 13.77 -3.37 -10.88
CA THR A 163 13.02 -4.07 -11.94
C THR A 163 13.88 -4.43 -13.16
N ALA A 164 14.93 -3.65 -13.41
CA ALA A 164 15.88 -3.95 -14.48
C ALA A 164 16.76 -5.14 -14.10
N ALA A 165 17.02 -5.30 -12.80
CA ALA A 165 17.77 -6.44 -12.29
C ALA A 165 16.94 -7.71 -12.41
N TYR A 166 15.66 -7.61 -12.04
CA TYR A 166 14.71 -8.69 -12.22
C TYR A 166 14.59 -9.08 -13.70
N LYS A 167 14.59 -8.07 -14.58
CA LYS A 167 14.58 -8.29 -16.02
C LYS A 167 15.90 -8.93 -16.50
N GLU A 168 17.01 -8.39 -16.03
CA GLU A 168 18.35 -8.86 -16.38
C GLU A 168 18.53 -10.34 -16.06
N VAL A 169 18.06 -10.72 -14.89
CA VAL A 169 18.12 -12.11 -14.41
C VAL A 169 17.10 -13.01 -15.13
N GLY A 170 16.11 -12.39 -15.78
CA GLY A 170 15.10 -13.14 -16.55
C GLY A 170 13.99 -13.68 -15.67
N TRP A 171 13.01 -12.83 -15.39
CA TRP A 171 11.91 -13.13 -14.46
C TRP A 171 10.61 -13.41 -15.21
N GLU B 18 -15.52 -17.76 3.55
CA GLU B 18 -16.77 -17.07 3.99
C GLU B 18 -16.82 -16.85 5.50
N LEU B 19 -17.53 -15.79 5.90
CA LEU B 19 -17.57 -15.32 7.28
C LEU B 19 -18.68 -16.00 8.06
N SER B 20 -18.47 -16.17 9.37
CA SER B 20 -19.50 -16.67 10.26
C SER B 20 -20.51 -15.56 10.54
N GLU B 21 -21.62 -15.91 11.20
CA GLU B 21 -22.67 -14.95 11.55
C GLU B 21 -22.12 -13.83 12.44
N ALA B 22 -21.17 -14.17 13.31
CA ALA B 22 -20.55 -13.22 14.21
C ALA B 22 -19.64 -12.28 13.44
N GLU B 23 -18.87 -12.84 12.51
CA GLU B 23 -17.94 -12.06 11.69
C GLU B 23 -18.67 -11.15 10.71
N ARG B 24 -19.80 -11.63 10.18
CA ARG B 24 -20.67 -10.83 9.31
C ARG B 24 -21.18 -9.57 10.02
N LYS B 25 -21.79 -9.76 11.20
CA LYS B 25 -22.36 -8.64 11.98
C LYS B 25 -21.31 -7.62 12.39
N ALA B 26 -20.10 -8.10 12.67
CA ALA B 26 -18.98 -7.27 13.11
C ALA B 26 -18.56 -6.32 11.99
N VAL B 27 -18.43 -6.87 10.81
CA VAL B 27 -18.15 -6.10 9.60
C VAL B 27 -19.29 -5.10 9.38
N GLN B 28 -20.54 -5.56 9.48
CA GLN B 28 -21.70 -4.70 9.25
C GLN B 28 -21.84 -3.52 10.21
N ALA B 29 -21.58 -3.78 11.49
CA ALA B 29 -21.61 -2.73 12.51
C ALA B 29 -20.50 -1.70 12.26
N MET B 30 -19.35 -2.19 11.82
CA MET B 30 -18.22 -1.35 11.43
C MET B 30 -18.56 -0.53 10.19
N TRP B 31 -19.07 -1.20 9.15
CA TRP B 31 -19.44 -0.56 7.88
C TRP B 31 -20.56 0.48 8.04
N ALA B 32 -21.48 0.25 8.97
CA ALA B 32 -22.57 1.18 9.25
C ALA B 32 -22.04 2.55 9.67
N ARG B 33 -20.89 2.55 10.36
CA ARG B 33 -20.24 3.78 10.75
C ARG B 33 -19.54 4.49 9.59
N LEU B 34 -18.78 3.73 8.78
CA LEU B 34 -18.14 4.30 7.60
C LEU B 34 -19.19 4.97 6.72
N TYR B 35 -20.18 4.16 6.34
CA TYR B 35 -21.20 4.52 5.36
C TYR B 35 -22.19 5.58 5.82
N ALA B 36 -22.18 5.91 7.11
CA ALA B 36 -23.00 7.02 7.63
C ALA B 36 -22.54 8.35 7.04
N ASN B 37 -21.27 8.42 6.64
CA ASN B 37 -20.75 9.51 5.82
C ASN B 37 -19.84 8.99 4.68
N SER B 38 -20.46 8.23 3.78
CA SER B 38 -19.76 7.50 2.72
C SER B 38 -18.93 8.36 1.78
N GLU B 39 -19.44 9.57 1.48
CA GLU B 39 -18.73 10.51 0.63
C GLU B 39 -17.37 10.84 1.25
N ASP B 40 -17.39 11.39 2.47
CA ASP B 40 -16.17 11.81 3.17
C ASP B 40 -15.13 10.70 3.30
N VAL B 41 -15.60 9.49 3.59
CA VAL B 41 -14.74 8.33 3.80
C VAL B 41 -14.17 7.83 2.47
N GLY B 42 -15.02 7.67 1.47
CA GLY B 42 -14.59 7.29 0.13
C GLY B 42 -13.55 8.23 -0.42
N VAL B 43 -13.77 9.53 -0.25
CA VAL B 43 -12.82 10.56 -0.65
C VAL B 43 -11.47 10.42 0.07
N ALA B 44 -11.51 10.27 1.40
CA ALA B 44 -10.30 10.04 2.19
C ALA B 44 -9.49 8.85 1.67
N ILE B 45 -10.19 7.75 1.35
CA ILE B 45 -9.57 6.54 0.82
C ILE B 45 -8.90 6.78 -0.53
N LEU B 46 -9.66 7.34 -1.49
CA LEU B 46 -9.14 7.55 -2.84
C LEU B 46 -7.95 8.48 -2.88
N VAL B 47 -7.99 9.52 -2.05
CA VAL B 47 -6.93 10.52 -2.02
C VAL B 47 -5.63 9.91 -1.53
N ARG B 48 -5.68 9.09 -0.49
CA ARG B 48 -4.47 8.43 -0.02
C ARG B 48 -3.96 7.42 -1.03
N PHE B 49 -4.89 6.70 -1.64
CA PHE B 49 -4.58 5.74 -2.68
C PHE B 49 -3.78 6.40 -3.81
N PHE B 50 -4.27 7.53 -4.29
CA PHE B 50 -3.63 8.22 -5.40
C PHE B 50 -2.31 8.88 -5.04
N VAL B 51 -2.17 9.32 -3.78
CA VAL B 51 -0.92 9.97 -3.35
C VAL B 51 0.23 8.97 -3.18
N ASN B 52 0.00 7.93 -2.37
CA ASN B 52 1.01 6.91 -2.11
C ASN B 52 1.25 5.96 -3.27
N PHE B 53 0.24 5.84 -4.15
CA PHE B 53 0.41 5.05 -5.35
C PHE B 53 0.03 5.86 -6.59
N PRO B 54 0.95 6.78 -6.99
CA PRO B 54 0.75 7.65 -8.13
C PRO B 54 0.38 6.88 -9.39
N SER B 55 0.93 5.67 -9.55
CA SER B 55 0.64 4.82 -10.70
C SER B 55 -0.84 4.41 -10.79
N ALA B 56 -1.54 4.37 -9.64
CA ALA B 56 -2.99 4.13 -9.66
C ALA B 56 -3.75 5.26 -10.35
N LYS B 57 -3.35 6.51 -10.06
CA LYS B 57 -3.88 7.72 -10.73
C LYS B 57 -3.89 7.62 -12.25
N GLN B 58 -2.76 7.18 -12.81
CA GLN B 58 -2.58 6.99 -14.25
C GLN B 58 -3.83 6.42 -14.94
N TYR B 59 -4.46 5.44 -14.30
CA TYR B 59 -5.63 4.76 -14.87
C TYR B 59 -6.84 5.64 -15.12
N PHE B 60 -6.94 6.73 -14.35
CA PHE B 60 -8.08 7.63 -14.44
C PHE B 60 -7.75 8.83 -15.31
N SER B 61 -8.37 8.86 -16.48
CA SER B 61 -8.22 9.97 -17.41
C SER B 61 -8.46 11.31 -16.73
N GLN B 62 -9.46 11.33 -15.85
CA GLN B 62 -9.90 12.58 -15.24
C GLN B 62 -9.03 13.05 -14.06
N PHE B 63 -8.23 12.15 -13.48
CA PHE B 63 -7.39 12.51 -12.31
C PHE B 63 -5.87 12.44 -12.52
N LYS B 64 -5.41 11.93 -13.66
CA LYS B 64 -3.97 11.67 -13.84
C LYS B 64 -3.06 12.90 -13.71
N HIS B 65 -3.64 14.09 -13.75
CA HIS B 65 -2.86 15.33 -13.65
C HIS B 65 -3.01 16.08 -12.33
N MET B 66 -3.88 15.59 -11.45
CA MET B 66 -4.03 16.14 -10.11
C MET B 66 -2.87 15.72 -9.20
N GLU B 67 -2.30 16.69 -8.49
CA GLU B 67 -1.17 16.43 -7.62
C GLU B 67 -1.40 16.91 -6.18
N ASP B 68 -2.07 18.06 -6.05
CA ASP B 68 -2.40 18.62 -4.75
C ASP B 68 -3.59 17.87 -4.13
N PRO B 69 -3.37 17.22 -2.97
CA PRO B 69 -4.42 16.48 -2.25
C PRO B 69 -5.65 17.32 -1.84
N LEU B 70 -5.46 18.60 -1.52
CA LEU B 70 -6.58 19.52 -1.24
C LEU B 70 -7.45 19.73 -2.46
N GLU B 71 -6.81 19.82 -3.63
CA GLU B 71 -7.49 19.99 -4.91
C GLU B 71 -8.39 18.78 -5.21
N MET B 72 -7.94 17.60 -4.79
CA MET B 72 -8.68 16.36 -4.98
C MET B 72 -9.95 16.31 -4.14
N GLU B 73 -9.79 16.42 -2.82
CA GLU B 73 -10.91 16.48 -1.89
C GLU B 73 -12.08 17.29 -2.46
N ARG B 74 -11.75 18.42 -3.06
CA ARG B 74 -12.72 19.41 -3.48
C ARG B 74 -13.35 19.16 -4.86
N SER B 75 -12.72 18.31 -5.68
CA SER B 75 -13.22 18.07 -7.04
C SER B 75 -14.48 17.21 -7.02
N PRO B 76 -15.57 17.72 -7.64
CA PRO B 76 -16.85 17.00 -7.66
C PRO B 76 -16.78 15.62 -8.33
N GLN B 77 -15.88 15.47 -9.30
CA GLN B 77 -15.77 14.21 -10.03
C GLN B 77 -15.05 13.11 -9.26
N LEU B 78 -14.06 13.50 -8.46
CA LEU B 78 -13.40 12.57 -7.54
C LEU B 78 -14.34 12.18 -6.42
N ARG B 79 -15.23 13.11 -6.05
CA ARG B 79 -16.26 12.82 -5.07
C ARG B 79 -17.23 11.77 -5.60
N LYS B 80 -17.59 11.91 -6.87
CA LYS B 80 -18.56 11.04 -7.53
C LYS B 80 -17.99 9.63 -7.66
N GLN B 81 -16.73 9.53 -8.07
CA GLN B 81 -16.05 8.26 -8.17
C GLN B 81 -15.97 7.57 -6.81
N ALA B 82 -15.75 8.37 -5.76
CA ALA B 82 -15.71 7.87 -4.38
C ALA B 82 -17.05 7.29 -3.95
N SER B 83 -18.15 7.93 -4.38
CA SER B 83 -19.48 7.42 -4.09
C SER B 83 -19.81 6.15 -4.87
N ARG B 84 -19.14 5.94 -6.00
CA ARG B 84 -19.31 4.73 -6.81
C ARG B 84 -18.69 3.51 -6.16
N VAL B 85 -17.55 3.71 -5.50
CA VAL B 85 -16.82 2.63 -4.82
C VAL B 85 -17.54 2.20 -3.55
N MET B 86 -17.87 3.19 -2.73
CA MET B 86 -18.60 2.98 -1.50
C MET B 86 -19.96 2.38 -1.85
N GLY B 87 -20.52 2.85 -2.95
CA GLY B 87 -21.80 2.35 -3.45
C GLY B 87 -21.76 0.86 -3.71
N ALA B 88 -20.73 0.41 -4.41
CA ALA B 88 -20.60 -1.01 -4.73
C ALA B 88 -20.25 -1.83 -3.50
N LEU B 89 -19.33 -1.30 -2.68
CA LEU B 89 -18.89 -1.96 -1.46
C LEU B 89 -20.05 -2.19 -0.50
N ASN B 90 -20.97 -1.21 -0.45
CA ASN B 90 -22.15 -1.29 0.40
C ASN B 90 -23.03 -2.47 0.03
N THR B 91 -23.20 -2.67 -1.28
CA THR B 91 -23.98 -3.79 -1.82
C THR B 91 -23.36 -5.16 -1.47
N VAL B 92 -22.03 -5.24 -1.50
CA VAL B 92 -21.33 -6.44 -1.03
C VAL B 92 -21.58 -6.66 0.46
N VAL B 93 -21.30 -5.64 1.27
CA VAL B 93 -21.46 -5.73 2.73
C VAL B 93 -22.90 -6.00 3.16
N GLU B 94 -23.86 -5.29 2.56
CA GLU B 94 -25.28 -5.47 2.90
C GLU B 94 -25.84 -6.85 2.52
N ASN B 95 -25.08 -7.61 1.75
CA ASN B 95 -25.51 -8.91 1.26
C ASN B 95 -24.65 -10.08 1.68
N LEU B 96 -23.90 -9.92 2.77
CA LEU B 96 -22.96 -10.95 3.22
C LEU B 96 -23.61 -12.23 3.77
N HIS B 97 -24.94 -12.25 3.82
CA HIS B 97 -25.68 -13.46 4.19
C HIS B 97 -25.93 -14.32 2.95
N ASP B 98 -25.92 -13.66 1.79
CA ASP B 98 -26.25 -14.29 0.51
C ASP B 98 -24.98 -14.42 -0.33
N PRO B 99 -24.31 -15.58 -0.25
CA PRO B 99 -22.98 -15.71 -0.87
C PRO B 99 -23.02 -15.80 -2.39
N ASP B 100 -24.13 -16.28 -2.95
CA ASP B 100 -24.32 -16.27 -4.41
C ASP B 100 -24.49 -14.84 -4.90
N LYS B 101 -25.04 -14.00 -4.03
CA LYS B 101 -25.25 -12.59 -4.34
C LYS B 101 -23.91 -11.83 -4.38
N VAL B 102 -23.11 -11.95 -3.33
CA VAL B 102 -21.81 -11.25 -3.29
C VAL B 102 -20.81 -11.80 -4.31
N SER B 103 -20.94 -13.09 -4.61
CA SER B 103 -20.11 -13.77 -5.61
C SER B 103 -20.35 -13.20 -7.00
N SER B 104 -21.62 -12.87 -7.26
CA SER B 104 -22.05 -12.28 -8.51
C SER B 104 -21.58 -10.83 -8.67
N VAL B 105 -21.78 -10.01 -7.62
CA VAL B 105 -21.39 -8.59 -7.61
C VAL B 105 -19.90 -8.41 -7.84
N LEU B 106 -19.09 -9.20 -7.11
CA LEU B 106 -17.64 -9.09 -7.20
C LEU B 106 -17.08 -9.56 -8.54
N ALA B 107 -17.71 -10.59 -9.12
CA ALA B 107 -17.36 -11.06 -10.48
C ALA B 107 -17.68 -10.02 -11.55
N LEU B 108 -18.83 -9.37 -11.41
CA LEU B 108 -19.19 -8.23 -12.26
C LEU B 108 -18.18 -7.09 -12.12
N VAL B 109 -17.78 -6.80 -10.89
CA VAL B 109 -16.76 -5.78 -10.60
C VAL B 109 -15.39 -6.19 -11.13
N GLY B 110 -15.06 -7.48 -11.01
CA GLY B 110 -13.82 -8.02 -11.54
C GLY B 110 -13.73 -7.90 -13.05
N LYS B 111 -14.76 -8.39 -13.75
CA LYS B 111 -14.78 -8.43 -15.21
C LYS B 111 -14.85 -7.04 -15.86
N ALA B 112 -15.55 -6.11 -15.22
CA ALA B 112 -15.59 -4.73 -15.66
C ALA B 112 -14.21 -4.07 -15.60
N HIS B 113 -13.54 -4.20 -14.46
CA HIS B 113 -12.21 -3.62 -14.26
C HIS B 113 -11.11 -4.33 -15.04
N ALA B 114 -11.34 -5.59 -15.38
CA ALA B 114 -10.41 -6.37 -16.21
C ALA B 114 -10.55 -5.99 -17.67
N LEU B 115 -11.79 -5.95 -18.16
CA LEU B 115 -12.06 -5.77 -19.58
C LEU B 115 -12.29 -4.32 -20.02
N LYS B 116 -13.05 -3.56 -19.23
CA LYS B 116 -13.37 -2.18 -19.60
C LYS B 116 -12.35 -1.17 -19.10
N HIS B 117 -11.96 -1.27 -17.83
CA HIS B 117 -11.00 -0.34 -17.23
C HIS B 117 -9.55 -0.76 -17.44
N LYS B 118 -9.36 -2.05 -17.71
CA LYS B 118 -8.05 -2.63 -18.03
C LYS B 118 -7.02 -2.38 -16.92
N VAL B 119 -7.51 -2.34 -15.69
CA VAL B 119 -6.71 -2.21 -14.48
C VAL B 119 -6.03 -3.53 -14.12
N GLU B 120 -4.72 -3.50 -13.89
CA GLU B 120 -3.99 -4.67 -13.40
C GLU B 120 -4.51 -5.09 -12.01
N PRO B 121 -4.71 -6.41 -11.80
CA PRO B 121 -5.46 -6.94 -10.64
C PRO B 121 -4.82 -6.72 -9.27
N VAL B 122 -3.50 -6.52 -9.24
CA VAL B 122 -2.81 -6.29 -7.98
C VAL B 122 -3.31 -5.02 -7.31
N TYR B 123 -3.71 -4.02 -8.11
CA TYR B 123 -4.16 -2.75 -7.57
C TYR B 123 -5.30 -2.88 -6.57
N PHE B 124 -6.03 -4.00 -6.64
CA PHE B 124 -7.09 -4.30 -5.67
C PHE B 124 -6.56 -4.59 -4.26
N LYS B 125 -5.41 -5.26 -4.18
CA LYS B 125 -4.71 -5.51 -2.92
C LYS B 125 -4.20 -4.21 -2.31
N ILE B 126 -3.61 -3.36 -3.15
CA ILE B 126 -3.09 -2.06 -2.71
C ILE B 126 -4.22 -1.17 -2.15
N LEU B 127 -5.37 -1.18 -2.82
CA LEU B 127 -6.50 -0.36 -2.41
C LEU B 127 -7.05 -0.80 -1.07
N SER B 128 -7.21 -2.11 -0.90
CA SER B 128 -7.66 -2.69 0.37
C SER B 128 -6.71 -2.32 1.50
N GLY B 129 -5.41 -2.55 1.30
CA GLY B 129 -4.39 -2.11 2.24
C GLY B 129 -4.63 -0.67 2.68
N VAL B 130 -4.83 0.21 1.70
CA VAL B 130 -5.15 1.62 1.97
C VAL B 130 -6.45 1.74 2.78
N ILE B 131 -7.47 0.99 2.41
CA ILE B 131 -8.76 1.04 3.11
C ILE B 131 -8.61 0.68 4.58
N LEU B 132 -7.68 -0.23 4.87
CA LEU B 132 -7.45 -0.68 6.24
C LEU B 132 -6.76 0.41 7.04
N GLU B 133 -5.77 1.07 6.44
CA GLU B 133 -5.04 2.16 7.10
C GLU B 133 -5.92 3.40 7.30
N VAL B 134 -6.82 3.68 6.36
CA VAL B 134 -7.76 4.81 6.51
C VAL B 134 -8.80 4.55 7.62
N VAL B 135 -9.33 3.33 7.64
CA VAL B 135 -10.27 2.88 8.69
C VAL B 135 -9.62 2.90 10.08
N ALA B 136 -8.36 2.45 10.17
CA ALA B 136 -7.65 2.46 11.44
C ALA B 136 -7.51 3.89 12.00
N GLU B 137 -7.24 4.85 11.12
CA GLU B 137 -7.04 6.23 11.53
C GLU B 137 -8.33 6.94 11.94
N GLU B 138 -9.39 6.76 11.15
CA GLU B 138 -10.63 7.48 11.38
C GLU B 138 -11.50 6.88 12.47
N PHE B 139 -11.45 5.55 12.61
CA PHE B 139 -12.40 4.85 13.47
C PHE B 139 -11.73 3.92 14.49
N ALA B 140 -10.54 4.34 14.94
CA ALA B 140 -9.76 3.60 15.93
C ALA B 140 -10.62 3.06 17.08
N SER B 141 -11.53 3.91 17.58
CA SER B 141 -12.34 3.59 18.76
C SER B 141 -13.34 2.44 18.57
N ASP B 142 -13.74 2.19 17.32
CA ASP B 142 -14.69 1.11 17.02
C ASP B 142 -14.01 0.02 16.17
N PHE B 143 -12.69 -0.10 16.31
CA PHE B 143 -11.93 -1.04 15.50
C PHE B 143 -11.08 -1.98 16.38
N PRO B 144 -11.73 -2.75 17.28
CA PRO B 144 -11.01 -3.66 18.17
C PRO B 144 -10.56 -4.93 17.43
N PRO B 145 -9.61 -5.69 18.01
CA PRO B 145 -8.99 -6.83 17.32
C PRO B 145 -9.95 -7.87 16.74
N GLU B 146 -11.12 -8.05 17.36
CA GLU B 146 -12.13 -8.96 16.81
C GLU B 146 -12.71 -8.47 15.49
N THR B 147 -12.71 -7.15 15.29
CA THR B 147 -13.20 -6.51 14.05
C THR B 147 -12.08 -6.40 13.01
N GLN B 148 -10.86 -6.10 13.46
CA GLN B 148 -9.69 -6.10 12.60
CA GLN B 148 -9.65 -6.12 12.62
C GLN B 148 -9.61 -7.45 11.88
N ARG B 149 -9.69 -8.52 12.68
CA ARG B 149 -9.67 -9.91 12.24
C ARG B 149 -10.79 -10.20 11.24
N ALA B 150 -11.99 -9.70 11.54
CA ALA B 150 -13.17 -9.90 10.69
C ALA B 150 -13.01 -9.21 9.35
N TRP B 151 -12.67 -7.92 9.39
CA TRP B 151 -12.45 -7.12 8.20
C TRP B 151 -11.40 -7.72 7.28
N ALA B 152 -10.37 -8.32 7.88
CA ALA B 152 -9.29 -8.95 7.11
C ALA B 152 -9.78 -10.14 6.27
N LYS B 153 -10.78 -10.88 6.79
CA LYS B 153 -11.41 -11.96 6.04
C LYS B 153 -12.24 -11.45 4.85
N LEU B 154 -12.99 -10.37 5.05
CA LEU B 154 -13.76 -9.77 3.95
C LEU B 154 -12.84 -9.34 2.82
N ARG B 155 -11.70 -8.75 3.19
CA ARG B 155 -10.67 -8.35 2.24
C ARG B 155 -10.19 -9.53 1.40
N GLY B 156 -9.97 -10.68 2.04
CA GLY B 156 -9.49 -11.87 1.35
C GLY B 156 -10.55 -12.49 0.46
N LEU B 157 -11.81 -12.29 0.85
CA LEU B 157 -12.95 -12.68 0.04
C LEU B 157 -12.93 -11.83 -1.22
N ILE B 158 -12.99 -10.52 -1.06
CA ILE B 158 -13.00 -9.58 -2.18
C ILE B 158 -11.89 -9.93 -3.18
N TYR B 159 -10.65 -10.03 -2.69
CA TYR B 159 -9.50 -10.22 -3.58
C TYR B 159 -9.56 -11.51 -4.38
N SER B 160 -9.88 -12.63 -3.73
CA SER B 160 -9.91 -13.91 -4.43
C SER B 160 -11.12 -14.06 -5.36
N HIS B 161 -12.18 -13.28 -5.14
CA HIS B 161 -13.32 -13.25 -6.05
C HIS B 161 -13.02 -12.35 -7.24
N VAL B 162 -12.10 -11.41 -7.05
CA VAL B 162 -11.68 -10.51 -8.13
C VAL B 162 -10.54 -11.16 -8.92
N THR B 163 -9.67 -11.89 -8.23
CA THR B 163 -8.63 -12.68 -8.88
C THR B 163 -9.27 -13.72 -9.81
N ALA B 164 -10.32 -14.36 -9.32
CA ALA B 164 -11.04 -15.37 -10.10
C ALA B 164 -11.69 -14.78 -11.35
N ALA B 165 -12.24 -13.57 -11.21
CA ALA B 165 -12.86 -12.87 -12.33
C ALA B 165 -11.83 -12.57 -13.41
N TYR B 166 -10.66 -12.09 -13.01
CA TYR B 166 -9.56 -11.84 -13.95
C TYR B 166 -9.09 -13.12 -14.64
N LYS B 167 -9.01 -14.22 -13.89
CA LYS B 167 -8.60 -15.51 -14.45
C LYS B 167 -9.63 -16.08 -15.41
N GLU B 168 -10.91 -16.07 -15.01
CA GLU B 168 -12.02 -16.56 -15.83
C GLU B 168 -12.03 -15.93 -17.23
N VAL B 169 -11.47 -14.73 -17.29
CA VAL B 169 -11.42 -13.92 -18.51
C VAL B 169 -10.05 -14.05 -19.20
N GLY B 170 -9.07 -14.58 -18.47
CA GLY B 170 -7.75 -14.89 -19.04
C GLY B 170 -6.79 -13.72 -19.10
N TRP B 171 -6.40 -13.21 -17.94
CA TRP B 171 -5.49 -12.07 -17.84
C TRP B 171 -4.06 -12.53 -17.56
CHA HEM C . 16.56 -9.69 2.96
CHB HEM C . 17.06 -5.04 1.77
CHC HEM C . 12.63 -4.90 -0.14
CHD HEM C . 12.00 -9.53 1.13
C1A HEM C . 17.13 -8.46 2.76
C2A HEM C . 18.49 -8.04 3.04
C3A HEM C . 18.61 -6.76 2.72
C4A HEM C . 17.33 -6.31 2.22
CMA HEM C . 19.87 -5.87 2.82
CAA HEM C . 19.61 -8.95 3.63
CBA HEM C . 20.64 -9.30 2.57
CGA HEM C . 20.09 -10.36 1.65
O1A HEM C . 20.00 -11.54 2.09
O2A HEM C . 19.73 -10.01 0.50
C1B HEM C . 15.95 -4.60 1.11
C2B HEM C . 15.79 -3.32 0.46
C3B HEM C . 14.57 -3.27 -0.06
C4B HEM C . 13.91 -4.53 0.23
CMB HEM C . 16.88 -2.21 0.41
CAB HEM C . 13.94 -2.11 -0.86
CBB HEM C . 14.09 -0.83 -0.47
C1C HEM C . 12.04 -6.13 0.07
C2C HEM C . 10.67 -6.50 -0.24
C3C HEM C . 10.50 -7.79 0.12
C4C HEM C . 11.75 -8.27 0.65
CMC HEM C . 9.60 -5.57 -0.87
CAC HEM C . 9.21 -8.62 -0.02
CBC HEM C . 8.30 -8.58 0.95
C1D HEM C . 13.15 -10.00 1.74
C2D HEM C . 13.29 -11.33 2.29
C3D HEM C . 14.71 -11.39 2.86
C4D HEM C . 15.29 -10.08 2.61
CMD HEM C . 12.25 -12.47 2.31
CAD HEM C . 15.35 -12.60 3.57
CBD HEM C . 15.11 -12.39 5.07
CGD HEM C . 15.65 -13.58 5.83
O1D HEM C . 14.83 -14.40 6.29
O2D HEM C . 16.90 -13.68 5.95
NA HEM C . 16.45 -7.37 2.27
NB HEM C . 14.78 -5.32 0.95
NC HEM C . 12.67 -7.24 0.62
ND HEM C . 14.34 -9.30 1.96
FE HEM C . 14.56 -7.30 1.49
C CYN D . 12.88 -6.28 4.03
N CYN D . 13.73 -6.61 4.71
N24 FC6 E . 4.11 6.41 -10.74
C24 FC6 E . 4.75 5.70 -10.08
FE2 FC6 E . 5.72 4.61 -8.97
C21 FC6 E . 6.69 3.51 -7.88
N25 FC6 E . 7.35 2.82 -7.21
C22 FC6 E . 5.48 3.19 -10.11
N22 FC6 E . 5.38 2.29 -10.85
C26 FC6 E . 4.18 4.16 -8.08
N21 FC6 E . 3.19 3.85 -7.53
C23 FC6 E . 7.25 5.04 -9.88
N23 FC6 E . 8.22 5.27 -10.49
C11 FC6 E . 5.97 6.03 -7.85
N11 FC6 E . 6.12 6.96 -7.17
CHA HEM F . -14.61 2.70 -12.20
CHB HEM F . -15.91 0.25 -8.23
CHC HEM F . -11.28 -0.93 -7.44
CHD HEM F . -9.88 1.68 -11.28
C1A HEM F . -15.37 2.12 -11.22
C2A HEM F . -16.83 2.15 -11.12
C3A HEM F . -17.18 1.47 -10.02
C4A HEM F . -15.96 0.99 -9.38
CMA HEM F . -18.62 1.22 -9.49
CAA HEM F . -17.78 2.84 -12.13
CBA HEM F . -18.67 1.81 -12.81
CGA HEM F . -17.82 0.82 -13.53
O1A HEM F . -17.36 1.15 -14.65
O2A HEM F . -17.59 -0.30 -13.00
C1B HEM F . -14.79 -0.29 -7.66
C2B HEM F . -14.73 -1.12 -6.48
C3B HEM F . -13.44 -1.45 -6.27
C4B HEM F . -12.65 -0.84 -7.32
CMB HEM F . -15.93 -1.55 -5.62
CAB HEM F . -12.86 -2.30 -5.11
CBB HEM F . -13.18 -3.60 -5.00
C1C HEM F . -10.49 -0.30 -8.36
C2C HEM F . -9.04 -0.28 -8.37
C3C HEM F . -8.63 0.44 -9.42
C4C HEM F . -9.81 0.90 -10.14
CMC HEM F . -8.13 -0.97 -7.33
CAC HEM F . -7.14 0.68 -9.76
CBC HEM F . -6.70 1.87 -10.21
C1D HEM F . -11.02 2.18 -11.90
C2D HEM F . -11.03 2.96 -13.13
C3D HEM F . -12.50 3.28 -13.41
C4D HEM F . -13.24 2.65 -12.34
CMD HEM F . -9.82 3.41 -13.99
CAD HEM F . -13.06 4.08 -14.60
CBD HEM F . -12.84 5.57 -14.35
CGD HEM F . -13.86 6.35 -15.14
O1D HEM F . -13.45 7.03 -16.13
O2D HEM F . -15.05 6.28 -14.79
NA HEM F . -14.89 1.42 -10.13
NB HEM F . -13.50 -0.14 -8.14
NC HEM F . -10.93 0.44 -9.45
ND HEM F . -12.34 2.03 -11.48
FE HEM F . -12.93 0.97 -9.79
C CYN G . -12.51 3.23 -8.08
N CYN G . -13.26 4.12 -8.18
N24 FC6 H . -5.66 -8.30 -0.45
C24 FC6 H . -5.09 -9.14 0.14
FE2 FC6 H . -4.16 -10.40 1.07
C21 FC6 H . -3.21 -11.66 2.00
N25 FC6 H . -2.64 -12.49 2.57
C22 FC6 H . -5.46 -11.66 0.81
N22 FC6 H . -6.26 -12.46 0.61
C26 FC6 H . -4.90 -9.84 2.66
N21 FC6 H . -5.36 -9.50 3.67
C23 FC6 H . -3.41 -10.97 -0.50
N23 FC6 H . -2.97 -11.38 -1.50
C11 FC6 H . -2.84 -9.15 1.32
N11 FC6 H . -2.05 -8.31 1.47
C ACT I . -14.95 19.45 -12.72
O ACT I . -14.11 19.76 -13.59
OXT ACT I . -16.01 20.14 -12.72
CH3 ACT I . -14.73 18.33 -11.74
#